data_8E68
#
_entry.id   8E68
#
_cell.length_a   55.551
_cell.length_b   98.655
_cell.length_c   59.513
_cell.angle_alpha   90.00
_cell.angle_beta   108.34
_cell.angle_gamma   90.00
#
_symmetry.space_group_name_H-M   'P 1 21 1'
#
loop_
_entity.id
_entity.type
_entity.pdbx_description
1 polymer '3C-like proteinase'
2 non-polymer N~2~-{[2-(4-fluorophenoxy)-2-methylpropoxy]carbonyl}-N-{(1R,2S)-1-hydroxy-3-[(3S)-2-oxopyrrolidin-3-yl]-1-sulfanylpropan-2-yl}-L-leucinamide
3 non-polymer '(1S,2S)-2-[(N-{[2-(4-fluorophenoxy)-2-methylpropoxy]carbonyl}-L-leucyl)amino]-1-hydroxy-3-[(3S)-2-oxopyrrolidin-3-yl]propane-1-sulfonic acid'
4 non-polymer 'TETRAETHYLENE GLYCOL'
5 water water
#
_entity_poly.entity_id   1
_entity_poly.type   'polypeptide(L)'
_entity_poly.pdbx_seq_one_letter_code
;SNIGSGFRKMAFPSGKVEGCMVQVTCGTTTLNGLWLDDVVYCPRHVICTSEDMLNPNYEDLLIRKSNHNFLVQAGNVQLR
VIGHSMQNCVLKLKVDTANPKTPKYKFVRIQPGQTFSVLACYNGSPSGVYQCAMRPNFTIKGSFLNGSCGSVGFNIDYDC
VSFCYMHHMELPTGVHAGTDLEGNFYGPFVDRQTAQAAGTDTTITVNVLAWLYAAVINGDRWFLNRFTTTLNDFNLVAMK
YNYEPLTQDHVDILGPLSAQTGIAVLDMCASLKELLQNGMNGRTILGSALLEDEFTPFDVVRQCSGVTF
;
_entity_poly.pdbx_strand_id   A,B
#
# COMPACT_ATOMS: atom_id res chain seq x y z
N PHE A 7 1.49 12.99 -1.86
CA PHE A 7 0.28 12.20 -2.10
C PHE A 7 0.58 10.71 -2.29
N ARG A 8 -0.21 9.88 -1.60
CA ARG A 8 0.09 8.47 -1.36
C ARG A 8 -1.00 7.61 -1.98
N LYS A 9 -0.59 6.58 -2.73
CA LYS A 9 -1.52 5.50 -3.09
C LYS A 9 -1.90 4.78 -1.81
N MET A 10 -3.20 4.68 -1.56
CA MET A 10 -3.73 4.15 -0.32
C MET A 10 -4.67 2.99 -0.64
N ALA A 11 -4.42 1.84 -0.05
CA ALA A 11 -5.31 0.71 -0.24
C ALA A 11 -6.36 0.68 0.87
N PHE A 12 -7.48 0.03 0.57
CA PHE A 12 -8.47 -0.23 1.61
C PHE A 12 -7.92 -1.19 2.65
N PRO A 13 -8.35 -1.06 3.91
CA PRO A 13 -7.96 -2.04 4.91
C PRO A 13 -8.46 -3.42 4.49
N SER A 14 -7.60 -4.40 4.60
CA SER A 14 -7.83 -5.71 3.98
C SER A 14 -8.42 -6.76 4.91
N GLY A 15 -8.69 -6.45 6.17
CA GLY A 15 -9.10 -7.50 7.10
C GLY A 15 -10.36 -8.25 6.70
N LYS A 16 -11.36 -7.52 6.18
CA LYS A 16 -12.59 -8.21 5.78
C LYS A 16 -12.35 -9.21 4.69
N VAL A 17 -11.35 -8.98 3.83
CA VAL A 17 -11.04 -9.94 2.78
C VAL A 17 -10.10 -11.06 3.29
N GLU A 18 -9.15 -10.73 4.18
CA GLU A 18 -8.24 -11.74 4.73
C GLU A 18 -9.00 -12.91 5.36
N GLY A 19 -10.10 -12.60 6.05
CA GLY A 19 -10.90 -13.65 6.67
C GLY A 19 -11.63 -14.54 5.72
N CYS A 20 -11.55 -14.28 4.42
CA CYS A 20 -12.13 -15.14 3.40
C CYS A 20 -11.13 -15.95 2.60
N MET A 21 -9.83 -15.75 2.80
CA MET A 21 -8.88 -16.44 1.93
C MET A 21 -8.60 -17.85 2.41
N VAL A 22 -8.64 -18.79 1.47
CA VAL A 22 -8.32 -20.18 1.73
C VAL A 22 -7.36 -20.68 0.65
N GLN A 23 -6.87 -21.90 0.86
CA GLN A 23 -6.00 -22.59 -0.08
C GLN A 23 -6.80 -23.69 -0.75
N VAL A 24 -6.58 -23.86 -2.05
CA VAL A 24 -7.26 -24.85 -2.87
C VAL A 24 -6.20 -25.63 -3.63
N THR A 25 -6.27 -26.95 -3.57
CA THR A 25 -5.28 -27.78 -4.22
C THR A 25 -5.96 -28.87 -5.04
N CYS A 26 -5.41 -29.08 -6.23
CA CYS A 26 -5.80 -30.18 -7.09
CA CYS A 26 -5.79 -30.17 -7.12
C CYS A 26 -4.52 -30.79 -7.63
N GLY A 27 -4.28 -32.06 -7.28
CA GLY A 27 -3.05 -32.72 -7.71
C GLY A 27 -1.85 -31.95 -7.21
N THR A 28 -1.01 -31.50 -8.14
CA THR A 28 0.18 -30.73 -7.80
C THR A 28 -0.01 -29.23 -7.94
N THR A 29 -1.25 -28.77 -8.16
CA THR A 29 -1.53 -27.36 -8.40
C THR A 29 -2.20 -26.76 -7.17
N THR A 30 -1.61 -25.71 -6.63
CA THR A 30 -2.18 -25.05 -5.47
C THR A 30 -2.32 -23.58 -5.76
N LEU A 31 -3.48 -23.03 -5.42
CA LEU A 31 -3.67 -21.58 -5.48
C LEU A 31 -4.65 -21.17 -4.39
N ASN A 32 -5.09 -19.91 -4.44
CA ASN A 32 -5.96 -19.35 -3.42
C ASN A 32 -7.41 -19.41 -3.84
N GLY A 33 -8.30 -19.48 -2.84
CA GLY A 33 -9.72 -19.34 -3.07
C GLY A 33 -10.34 -18.33 -2.11
N LEU A 34 -11.52 -17.86 -2.48
CA LEU A 34 -12.32 -16.90 -1.74
C LEU A 34 -13.54 -17.62 -1.18
N TRP A 35 -13.62 -17.68 0.16
CA TRP A 35 -14.63 -18.44 0.90
C TRP A 35 -15.69 -17.48 1.42
N LEU A 36 -16.86 -17.50 0.79
CA LEU A 36 -17.99 -16.66 1.13
C LEU A 36 -19.17 -17.58 1.44
N ASP A 37 -19.77 -17.39 2.61
CA ASP A 37 -20.83 -18.27 3.12
C ASP A 37 -20.35 -19.69 2.92
N ASP A 38 -21.06 -20.55 2.18
CA ASP A 38 -20.60 -21.92 2.04
C ASP A 38 -20.06 -22.25 0.65
N VAL A 39 -19.46 -21.27 -0.04
CA VAL A 39 -18.90 -21.50 -1.36
C VAL A 39 -17.48 -20.94 -1.41
N VAL A 40 -16.57 -21.69 -2.03
CA VAL A 40 -15.21 -21.23 -2.31
C VAL A 40 -15.07 -20.98 -3.80
N TYR A 41 -14.64 -19.78 -4.16
CA TYR A 41 -14.44 -19.35 -5.55
C TYR A 41 -12.97 -19.37 -5.86
N CYS A 42 -12.58 -19.91 -7.02
CA CYS A 42 -11.18 -19.94 -7.37
C CYS A 42 -11.03 -20.09 -8.87
N PRO A 43 -9.83 -19.86 -9.40
CA PRO A 43 -9.63 -20.00 -10.84
C PRO A 43 -9.77 -21.45 -11.23
N ARG A 44 -10.45 -21.70 -12.35
CA ARG A 44 -10.69 -23.06 -12.76
C ARG A 44 -9.41 -23.73 -13.23
N HIS A 45 -8.36 -22.99 -13.59
CA HIS A 45 -7.15 -23.67 -14.06
C HIS A 45 -6.43 -24.45 -12.96
N VAL A 46 -6.92 -24.42 -11.73
CA VAL A 46 -6.37 -25.30 -10.68
C VAL A 46 -6.55 -26.76 -11.07
N ILE A 47 -7.56 -27.07 -11.90
CA ILE A 47 -7.77 -28.48 -12.26
C ILE A 47 -6.87 -28.94 -13.38
N CYS A 48 -5.99 -28.08 -13.88
CA CYS A 48 -5.11 -28.43 -15.00
C CYS A 48 -3.81 -29.03 -14.50
N THR A 49 -3.25 -29.92 -15.32
CA THR A 49 -1.90 -30.41 -15.16
C THR A 49 -0.98 -29.67 -16.12
N SER A 50 0.28 -30.10 -16.16
CA SER A 50 1.22 -29.56 -17.12
C SER A 50 0.72 -29.76 -18.55
N GLU A 51 0.42 -31.00 -18.93
CA GLU A 51 0.00 -31.29 -20.29
C GLU A 51 -1.34 -30.66 -20.64
N ASP A 52 -2.11 -30.20 -19.63
CA ASP A 52 -3.43 -29.63 -19.89
C ASP A 52 -3.36 -28.16 -20.29
N MET A 53 -2.33 -27.46 -19.85
CA MET A 53 -2.37 -25.99 -19.85
C MET A 53 -2.49 -25.41 -21.26
N LEU A 54 -2.05 -26.14 -22.29
CA LEU A 54 -1.90 -25.53 -23.61
C LEU A 54 -3.23 -25.30 -24.32
N ASN A 55 -4.14 -26.30 -24.30
CA ASN A 55 -5.48 -26.16 -24.86
C ASN A 55 -6.42 -26.94 -23.95
N PRO A 56 -6.75 -26.39 -22.78
CA PRO A 56 -7.57 -27.14 -21.81
C PRO A 56 -9.04 -27.11 -22.19
N ASN A 57 -9.64 -28.28 -22.36
CA ASN A 57 -11.09 -28.34 -22.57
C ASN A 57 -11.72 -28.43 -21.20
N TYR A 58 -11.96 -27.28 -20.59
CA TYR A 58 -12.28 -27.26 -19.17
C TYR A 58 -13.48 -28.11 -18.81
N GLU A 59 -14.53 -28.11 -19.64
CA GLU A 59 -15.70 -28.93 -19.32
C GLU A 59 -15.33 -30.41 -19.29
N ASP A 60 -14.48 -30.84 -20.22
CA ASP A 60 -14.00 -32.22 -20.22
C ASP A 60 -13.15 -32.52 -18.98
N LEU A 61 -12.21 -31.62 -18.67
CA LEU A 61 -11.35 -31.85 -17.51
C LEU A 61 -12.16 -31.91 -16.22
N LEU A 62 -13.23 -31.11 -16.13
CA LEU A 62 -14.00 -30.99 -14.89
C LEU A 62 -14.92 -32.19 -14.69
N ILE A 63 -15.54 -32.68 -15.76
CA ILE A 63 -16.44 -33.83 -15.63
C ILE A 63 -15.70 -35.03 -15.08
N ARG A 64 -14.39 -35.08 -15.29
CA ARG A 64 -13.53 -36.19 -14.86
C ARG A 64 -13.04 -36.04 -13.43
N LYS A 65 -13.42 -34.96 -12.73
CA LYS A 65 -13.08 -34.71 -11.33
C LYS A 65 -14.24 -35.04 -10.39
N SER A 66 -13.90 -35.43 -9.16
CA SER A 66 -14.85 -35.64 -8.08
C SER A 66 -14.68 -34.56 -7.01
N ASN A 67 -15.70 -34.41 -6.18
CA ASN A 67 -15.58 -33.51 -5.04
C ASN A 67 -14.28 -33.77 -4.26
N HIS A 68 -13.88 -35.03 -4.15
CA HIS A 68 -12.75 -35.37 -3.28
C HIS A 68 -11.40 -35.07 -3.91
N ASN A 69 -11.36 -34.72 -5.20
CA ASN A 69 -10.10 -34.32 -5.82
C ASN A 69 -9.67 -32.92 -5.43
N PHE A 70 -10.53 -32.19 -4.71
CA PHE A 70 -10.28 -30.80 -4.33
C PHE A 70 -9.99 -30.74 -2.85
N LEU A 71 -8.77 -30.34 -2.49
CA LEU A 71 -8.38 -30.13 -1.10
C LEU A 71 -8.47 -28.63 -0.78
N VAL A 72 -9.36 -28.27 0.13
CA VAL A 72 -9.51 -26.88 0.58
C VAL A 72 -9.06 -26.80 2.04
N GLN A 73 -8.17 -25.86 2.33
CA GLN A 73 -7.68 -25.67 3.69
C GLN A 73 -7.85 -24.22 4.10
N ALA A 74 -8.54 -24.01 5.22
CA ALA A 74 -8.67 -22.72 5.87
C ALA A 74 -7.75 -22.76 7.08
N GLY A 75 -6.56 -22.20 6.94
CA GLY A 75 -5.58 -22.35 8.01
C GLY A 75 -5.15 -23.80 8.13
N ASN A 76 -5.30 -24.36 9.33
CA ASN A 76 -4.96 -25.75 9.58
C ASN A 76 -6.16 -26.68 9.36
N VAL A 77 -7.32 -26.14 9.02
CA VAL A 77 -8.56 -26.89 8.97
C VAL A 77 -8.93 -27.20 7.52
N GLN A 78 -9.21 -28.47 7.24
CA GLN A 78 -9.68 -28.88 5.92
C GLN A 78 -11.19 -28.70 5.85
N LEU A 79 -11.66 -28.12 4.75
CA LEU A 79 -13.08 -27.95 4.49
C LEU A 79 -13.52 -28.99 3.46
N ARG A 80 -14.59 -29.72 3.78
CA ARG A 80 -15.07 -30.78 2.91
C ARG A 80 -15.89 -30.18 1.77
N VAL A 81 -15.46 -30.45 0.55
CA VAL A 81 -16.19 -30.08 -0.66
C VAL A 81 -17.36 -31.05 -0.87
N ILE A 82 -18.57 -30.53 -0.93
CA ILE A 82 -19.75 -31.35 -1.15
C ILE A 82 -20.43 -31.04 -2.48
N GLY A 83 -19.72 -30.41 -3.41
CA GLY A 83 -20.35 -30.00 -4.64
C GLY A 83 -19.43 -29.07 -5.37
N HIS A 84 -19.49 -29.08 -6.70
CA HIS A 84 -18.70 -28.15 -7.51
C HIS A 84 -19.46 -27.79 -8.77
N SER A 85 -19.18 -26.61 -9.29
CA SER A 85 -19.67 -26.16 -10.58
C SER A 85 -18.68 -25.13 -11.10
N MET A 86 -18.77 -24.88 -12.39
CA MET A 86 -17.94 -23.91 -13.07
C MET A 86 -18.82 -22.80 -13.62
N GLN A 87 -18.40 -21.55 -13.43
CA GLN A 87 -19.07 -20.40 -14.03
C GLN A 87 -18.00 -19.66 -14.80
N ASN A 88 -18.08 -19.69 -16.13
CA ASN A 88 -17.01 -19.13 -16.96
C ASN A 88 -15.65 -19.65 -16.46
N CYS A 89 -14.71 -18.77 -16.13
CA CYS A 89 -13.36 -19.19 -15.76
C CYS A 89 -13.17 -19.38 -14.26
N VAL A 90 -14.24 -19.37 -13.47
CA VAL A 90 -14.18 -19.56 -12.03
CA VAL A 90 -14.15 -19.59 -12.03
C VAL A 90 -14.83 -20.89 -11.66
N LEU A 91 -14.23 -21.58 -10.72
CA LEU A 91 -14.75 -22.80 -10.13
C LEU A 91 -15.41 -22.43 -8.80
N LYS A 92 -16.57 -23.02 -8.53
CA LYS A 92 -17.31 -22.75 -7.31
C LYS A 92 -17.41 -24.07 -6.56
N LEU A 93 -16.77 -24.14 -5.39
CA LEU A 93 -16.72 -25.37 -4.60
C LEU A 93 -17.62 -25.16 -3.41
N LYS A 94 -18.67 -25.98 -3.32
CA LYS A 94 -19.56 -25.92 -2.17
C LYS A 94 -18.92 -26.72 -1.06
N VAL A 95 -18.91 -26.15 0.14
CA VAL A 95 -18.30 -26.78 1.30
C VAL A 95 -19.37 -26.95 2.37
N ASP A 96 -19.10 -27.83 3.32
CA ASP A 96 -20.11 -28.12 4.35
C ASP A 96 -20.08 -27.15 5.50
N THR A 97 -19.21 -26.13 5.47
CA THR A 97 -19.07 -25.16 6.54
C THR A 97 -19.32 -23.76 5.99
N ALA A 98 -20.02 -22.93 6.76
CA ALA A 98 -20.20 -21.55 6.38
C ALA A 98 -19.06 -20.74 7.01
N ASN A 99 -18.55 -19.73 6.27
CA ASN A 99 -17.57 -18.83 6.84
C ASN A 99 -18.22 -17.77 7.74
N PRO A 100 -18.04 -17.83 9.07
CA PRO A 100 -18.63 -16.80 9.93
C PRO A 100 -18.03 -15.43 9.73
N LYS A 101 -16.87 -15.34 9.07
CA LYS A 101 -16.23 -14.06 8.81
C LYS A 101 -16.65 -13.47 7.44
N THR A 102 -17.62 -14.07 6.77
CA THR A 102 -18.11 -13.53 5.50
C THR A 102 -18.60 -12.11 5.71
N PRO A 103 -18.05 -11.12 5.01
CA PRO A 103 -18.53 -9.75 5.14
C PRO A 103 -19.79 -9.57 4.31
N LYS A 104 -20.45 -8.44 4.54
CA LYS A 104 -21.38 -7.95 3.56
C LYS A 104 -20.61 -7.73 2.25
N TYR A 105 -21.12 -8.26 1.15
CA TYR A 105 -20.38 -8.17 -0.10
C TYR A 105 -21.27 -8.17 -1.33
N LYS A 106 -20.67 -7.73 -2.44
CA LYS A 106 -21.28 -7.93 -3.74
C LYS A 106 -20.17 -8.13 -4.76
N PHE A 107 -20.57 -8.67 -5.89
CA PHE A 107 -19.68 -8.88 -7.03
C PHE A 107 -19.97 -7.80 -8.05
N VAL A 108 -18.94 -7.07 -8.47
CA VAL A 108 -19.12 -6.01 -9.44
C VAL A 108 -18.09 -6.18 -10.56
N ARG A 109 -18.45 -5.67 -11.72
CA ARG A 109 -17.52 -5.64 -12.83
C ARG A 109 -17.11 -4.18 -12.99
N ILE A 110 -15.82 -3.91 -12.88
CA ILE A 110 -15.37 -2.53 -12.90
C ILE A 110 -15.06 -2.09 -14.32
N GLN A 111 -15.04 -0.78 -14.50
CA GLN A 111 -14.77 -0.12 -15.76
C GLN A 111 -13.30 0.24 -15.84
N PRO A 112 -12.75 0.27 -17.04
CA PRO A 112 -11.37 0.73 -17.19
C PRO A 112 -11.21 2.14 -16.64
N GLY A 113 -10.06 2.36 -16.00
CA GLY A 113 -9.79 3.60 -15.30
C GLY A 113 -10.15 3.60 -13.83
N GLN A 114 -11.02 2.69 -13.40
CA GLN A 114 -11.37 2.56 -11.99
C GLN A 114 -10.24 1.87 -11.23
N THR A 115 -10.14 2.16 -9.94
CA THR A 115 -9.11 1.60 -9.09
C THR A 115 -9.70 0.61 -8.08
N PHE A 116 -8.81 -0.22 -7.53
CA PHE A 116 -9.22 -1.21 -6.53
C PHE A 116 -7.99 -1.63 -5.76
N SER A 117 -8.22 -2.25 -4.60
CA SER A 117 -7.15 -2.80 -3.80
C SER A 117 -7.00 -4.27 -4.10
N VAL A 118 -5.76 -4.74 -4.12
CA VAL A 118 -5.42 -6.14 -4.32
C VAL A 118 -4.85 -6.69 -3.03
N LEU A 119 -5.39 -7.81 -2.58
CA LEU A 119 -4.80 -8.56 -1.48
C LEU A 119 -4.04 -9.74 -2.09
N ALA A 120 -2.75 -9.60 -2.23
CA ALA A 120 -1.96 -10.67 -2.80
C ALA A 120 -1.74 -11.76 -1.77
N CYS A 121 -1.96 -13.01 -2.17
CA CYS A 121 -1.99 -14.16 -1.27
C CYS A 121 -1.20 -15.29 -1.89
N TYR A 122 -0.62 -16.11 -1.02
CA TYR A 122 0.11 -17.31 -1.41
C TYR A 122 -0.24 -18.42 -0.44
N ASN A 123 -0.62 -19.60 -0.97
CA ASN A 123 -1.01 -20.74 -0.16
C ASN A 123 -2.10 -20.36 0.84
N GLY A 124 -3.06 -19.56 0.37
CA GLY A 124 -4.17 -19.19 1.19
C GLY A 124 -3.85 -18.15 2.26
N SER A 125 -2.61 -17.66 2.32
CA SER A 125 -2.20 -16.70 3.33
C SER A 125 -1.95 -15.32 2.72
N PRO A 126 -2.56 -14.28 3.29
CA PRO A 126 -2.34 -12.92 2.78
C PRO A 126 -0.91 -12.46 2.96
N SER A 127 -0.37 -11.84 1.91
CA SER A 127 1.02 -11.38 1.92
C SER A 127 1.18 -9.88 1.80
N GLY A 128 0.35 -9.18 1.03
CA GLY A 128 0.50 -7.74 0.86
C GLY A 128 -0.75 -7.13 0.25
N VAL A 129 -0.90 -5.80 0.42
CA VAL A 129 -2.06 -5.11 -0.12
CA VAL A 129 -2.07 -5.09 -0.09
C VAL A 129 -1.58 -3.86 -0.84
N TYR A 130 -2.19 -3.59 -2.01
CA TYR A 130 -1.80 -2.42 -2.77
C TYR A 130 -2.93 -2.04 -3.73
N GLN A 131 -2.88 -0.80 -4.16
CA GLN A 131 -3.86 -0.23 -5.08
C GLN A 131 -3.43 -0.43 -6.53
N CYS A 132 -4.40 -0.79 -7.39
CA CYS A 132 -4.25 -1.09 -8.82
C CYS A 132 -5.32 -0.30 -9.57
N ALA A 133 -5.09 -0.05 -10.85
CA ALA A 133 -6.15 0.46 -11.72
C ALA A 133 -6.41 -0.55 -12.82
N MET A 134 -7.67 -0.67 -13.22
CA MET A 134 -7.97 -1.40 -14.45
C MET A 134 -7.49 -0.57 -15.65
N ARG A 135 -6.47 -1.02 -16.35
CA ARG A 135 -5.94 -0.25 -17.50
C ARG A 135 -7.00 -0.20 -18.61
N PRO A 136 -6.91 0.80 -19.50
CA PRO A 136 -7.82 0.84 -20.65
C PRO A 136 -7.77 -0.38 -21.52
N ASN A 137 -6.60 -1.01 -21.62
CA ASN A 137 -6.44 -2.27 -22.36
C ASN A 137 -6.76 -3.50 -21.51
N PHE A 138 -7.32 -3.28 -20.31
CA PHE A 138 -7.87 -4.31 -19.45
C PHE A 138 -6.80 -5.22 -18.85
N THR A 139 -5.57 -4.77 -18.80
CA THR A 139 -4.58 -5.39 -17.94
C THR A 139 -4.51 -4.62 -16.63
N ILE A 140 -3.80 -5.17 -15.67
CA ILE A 140 -3.48 -4.47 -14.45
C ILE A 140 -1.99 -4.59 -14.20
N LYS A 141 -1.41 -3.53 -13.68
CA LYS A 141 0.01 -3.52 -13.39
C LYS A 141 0.12 -3.94 -11.95
N GLY A 142 0.19 -5.25 -11.72
CA GLY A 142 0.20 -5.81 -10.41
C GLY A 142 1.60 -6.27 -10.03
N SER A 143 1.65 -6.86 -8.84
CA SER A 143 2.82 -7.52 -8.29
C SER A 143 2.30 -8.89 -7.86
N PHE A 144 2.44 -9.85 -8.75
CA PHE A 144 1.94 -11.19 -8.55
C PHE A 144 3.03 -12.16 -8.94
N LEU A 145 3.28 -13.14 -8.09
CA LEU A 145 4.26 -14.20 -8.31
C LEU A 145 3.59 -15.56 -8.46
N ASN A 146 4.39 -16.60 -8.66
CA ASN A 146 3.85 -17.96 -8.67
C ASN A 146 3.00 -18.23 -7.43
N GLY A 147 1.83 -18.83 -7.65
CA GLY A 147 0.93 -19.18 -6.57
C GLY A 147 0.00 -18.07 -6.13
N SER A 148 0.06 -16.92 -6.78
CA SER A 148 -0.81 -15.79 -6.43
C SER A 148 -2.22 -15.93 -6.99
N CYS A 149 -2.46 -16.88 -7.90
CA CYS A 149 -3.77 -16.96 -8.52
C CYS A 149 -4.88 -17.19 -7.48
N GLY A 150 -6.03 -16.58 -7.73
CA GLY A 150 -7.11 -16.54 -6.78
C GLY A 150 -7.05 -15.39 -5.82
N SER A 151 -5.94 -14.67 -5.75
CA SER A 151 -5.93 -13.37 -5.06
C SER A 151 -7.00 -12.49 -5.70
N VAL A 152 -7.60 -11.62 -4.88
CA VAL A 152 -8.73 -10.83 -5.35
C VAL A 152 -8.46 -9.34 -5.19
N GLY A 153 -9.21 -8.59 -6.00
CA GLY A 153 -9.26 -7.15 -5.89
C GLY A 153 -10.64 -6.66 -5.51
N PHE A 154 -10.69 -5.54 -4.79
CA PHE A 154 -11.91 -5.15 -4.13
C PHE A 154 -11.89 -3.66 -3.78
N ASN A 155 -13.08 -3.13 -3.53
CA ASN A 155 -13.27 -1.82 -2.94
C ASN A 155 -14.15 -2.00 -1.72
N ILE A 156 -14.06 -1.09 -0.76
CA ILE A 156 -14.91 -1.15 0.43
C ILE A 156 -15.67 0.15 0.56
N ASP A 157 -16.98 0.05 0.73
CA ASP A 157 -17.85 1.20 0.92
C ASP A 157 -18.66 0.94 2.19
N TYR A 158 -18.37 1.70 3.24
CA TYR A 158 -18.95 1.48 4.55
C TYR A 158 -18.61 0.08 5.02
N ASP A 159 -19.60 -0.80 5.10
CA ASP A 159 -19.40 -2.16 5.58
C ASP A 159 -19.33 -3.18 4.44
N CYS A 160 -19.46 -2.73 3.19
CA CYS A 160 -19.73 -3.60 2.06
C CYS A 160 -18.49 -3.76 1.20
N VAL A 161 -18.09 -5.01 0.97
CA VAL A 161 -16.94 -5.32 0.13
C VAL A 161 -17.43 -5.61 -1.28
N SER A 162 -16.93 -4.86 -2.24
CA SER A 162 -17.29 -5.05 -3.64
C SER A 162 -16.08 -5.73 -4.28
N PHE A 163 -16.21 -7.02 -4.55
CA PHE A 163 -15.17 -7.80 -5.23
C PHE A 163 -15.26 -7.57 -6.72
N CYS A 164 -14.14 -7.18 -7.33
CA CYS A 164 -14.14 -6.88 -8.75
C CYS A 164 -13.12 -7.68 -9.56
N TYR A 165 -12.20 -8.40 -8.93
CA TYR A 165 -11.09 -8.98 -9.69
C TYR A 165 -10.62 -10.25 -8.99
N MET A 166 -10.32 -11.28 -9.79
CA MET A 166 -9.65 -12.48 -9.32
C MET A 166 -8.51 -12.73 -10.27
N HIS A 167 -7.36 -13.02 -9.72
CA HIS A 167 -6.15 -13.10 -10.51
C HIS A 167 -5.94 -14.45 -11.19
N HIS A 168 -5.61 -14.42 -12.50
CA HIS A 168 -5.34 -15.67 -13.24
C HIS A 168 -3.98 -15.75 -13.95
N MET A 169 -3.39 -14.66 -14.43
CA MET A 169 -2.22 -14.84 -15.31
C MET A 169 -1.35 -13.59 -15.38
N GLU A 170 -0.11 -13.82 -15.82
CA GLU A 170 0.85 -12.79 -16.16
C GLU A 170 1.16 -12.85 -17.65
N LEU A 171 1.27 -11.71 -18.26
CA LEU A 171 1.64 -11.60 -19.67
C LEU A 171 3.15 -11.48 -19.81
N PRO A 172 3.67 -11.74 -21.00
CA PRO A 172 5.13 -11.61 -21.19
C PRO A 172 5.70 -10.24 -20.83
N THR A 173 4.92 -9.15 -20.99
CA THR A 173 5.37 -7.81 -20.67
C THR A 173 5.44 -7.56 -19.17
N GLY A 174 4.96 -8.48 -18.34
CA GLY A 174 4.98 -8.29 -16.90
C GLY A 174 3.71 -7.72 -16.31
N VAL A 175 2.71 -7.39 -17.11
CA VAL A 175 1.42 -6.96 -16.58
C VAL A 175 0.56 -8.19 -16.36
N HIS A 176 -0.64 -7.98 -15.81
CA HIS A 176 -1.45 -9.07 -15.27
C HIS A 176 -2.85 -9.05 -15.83
N ALA A 177 -3.48 -10.24 -15.82
CA ALA A 177 -4.81 -10.41 -16.35
C ALA A 177 -5.64 -11.35 -15.48
N GLY A 178 -6.93 -11.08 -15.47
CA GLY A 178 -7.82 -11.83 -14.61
C GLY A 178 -9.27 -11.58 -14.95
N THR A 179 -10.14 -12.07 -14.07
CA THR A 179 -11.57 -12.08 -14.29
C THR A 179 -12.28 -11.28 -13.19
N ASP A 180 -13.57 -11.01 -13.45
CA ASP A 180 -14.48 -10.63 -12.38
C ASP A 180 -14.88 -11.91 -11.63
N LEU A 181 -15.74 -11.76 -10.63
CA LEU A 181 -16.06 -12.90 -9.78
C LEU A 181 -17.14 -13.76 -10.39
N GLU A 182 -17.67 -13.37 -11.55
CA GLU A 182 -18.45 -14.26 -12.39
C GLU A 182 -17.58 -15.06 -13.35
N GLY A 183 -16.27 -14.83 -13.35
CA GLY A 183 -15.38 -15.64 -14.14
C GLY A 183 -15.17 -15.16 -15.56
N ASN A 184 -15.63 -13.96 -15.90
CA ASN A 184 -15.37 -13.41 -17.23
C ASN A 184 -14.11 -12.56 -17.21
N PHE A 185 -13.18 -12.86 -18.11
CA PHE A 185 -11.97 -12.03 -18.17
C PHE A 185 -12.30 -10.58 -18.44
N TYR A 186 -11.47 -9.72 -17.86
CA TYR A 186 -11.26 -8.37 -18.38
C TYR A 186 -10.29 -8.51 -19.56
N GLY A 187 -10.68 -8.01 -20.72
CA GLY A 187 -9.82 -8.04 -21.87
C GLY A 187 -9.89 -9.30 -22.71
N PRO A 188 -9.09 -9.34 -23.74
CA PRO A 188 -9.17 -10.41 -24.73
C PRO A 188 -8.34 -11.64 -24.37
N PHE A 189 -8.20 -11.94 -23.09
CA PHE A 189 -7.30 -12.95 -22.62
C PHE A 189 -8.06 -14.26 -22.40
N VAL A 190 -7.29 -15.33 -22.35
CA VAL A 190 -7.81 -16.69 -22.21
C VAL A 190 -6.93 -17.45 -21.22
N ASP A 191 -7.56 -18.27 -20.37
CA ASP A 191 -6.83 -19.03 -19.36
C ASP A 191 -6.27 -20.31 -20.00
N ARG A 192 -5.32 -20.10 -20.92
CA ARG A 192 -4.46 -21.17 -21.44
C ARG A 192 -3.02 -20.72 -21.32
N GLN A 193 -2.12 -21.70 -21.24
CA GLN A 193 -0.69 -21.45 -20.98
C GLN A 193 -0.01 -21.09 -22.31
N THR A 194 -0.29 -19.88 -22.78
CA THR A 194 0.26 -19.31 -24.00
C THR A 194 0.72 -17.89 -23.71
N ALA A 195 1.67 -17.40 -24.52
CA ALA A 195 2.10 -16.01 -24.44
C ALA A 195 1.08 -15.14 -25.14
N GLN A 196 0.49 -14.22 -24.40
CA GLN A 196 -0.58 -13.36 -24.92
C GLN A 196 -0.20 -11.89 -24.79
N ALA A 197 -0.45 -11.15 -25.85
CA ALA A 197 -0.26 -9.71 -25.91
C ALA A 197 -1.58 -8.99 -25.69
N ALA A 198 -1.49 -7.82 -25.05
CA ALA A 198 -2.63 -6.94 -24.88
C ALA A 198 -2.70 -5.94 -26.04
N GLY A 199 -3.86 -5.32 -26.18
CA GLY A 199 -3.96 -4.19 -27.07
C GLY A 199 -3.13 -3.04 -26.55
N THR A 200 -2.98 -2.01 -27.39
CA THR A 200 -2.16 -0.87 -27.02
C THR A 200 -2.75 -0.18 -25.82
N ASP A 201 -1.92 0.05 -24.81
CA ASP A 201 -2.46 0.75 -23.67
C ASP A 201 -2.46 2.25 -23.92
N THR A 202 -3.35 2.90 -23.20
CA THR A 202 -3.50 4.34 -23.23
C THR A 202 -3.47 4.84 -21.79
N THR A 203 -3.31 6.15 -21.63
CA THR A 203 -3.27 6.78 -20.33
C THR A 203 -4.65 7.29 -19.92
N ILE A 204 -4.99 7.12 -18.63
CA ILE A 204 -6.32 7.43 -18.12
C ILE A 204 -6.35 8.93 -17.82
N THR A 205 -6.90 9.70 -18.75
CA THR A 205 -6.83 11.16 -18.71
C THR A 205 -7.52 11.75 -17.48
N VAL A 206 -8.73 11.31 -17.17
CA VAL A 206 -9.44 11.88 -16.02
C VAL A 206 -8.64 11.68 -14.74
N ASN A 207 -7.91 10.57 -14.65
CA ASN A 207 -7.09 10.31 -13.48
C ASN A 207 -5.88 11.22 -13.44
N VAL A 208 -5.22 11.45 -14.58
CA VAL A 208 -4.09 12.39 -14.60
C VAL A 208 -4.55 13.75 -14.14
N LEU A 209 -5.72 14.19 -14.61
CA LEU A 209 -6.23 15.49 -14.17
C LEU A 209 -6.47 15.49 -12.66
N ALA A 210 -7.03 14.41 -12.14
CA ALA A 210 -7.28 14.34 -10.69
C ALA A 210 -5.96 14.46 -9.93
N TRP A 211 -4.91 13.84 -10.43
CA TRP A 211 -3.62 13.86 -9.75
C TRP A 211 -2.95 15.22 -9.86
N LEU A 212 -3.09 15.90 -11.00
CA LEU A 212 -2.61 17.28 -11.08
C LEU A 212 -3.33 18.16 -10.07
N TYR A 213 -4.65 18.01 -9.92
CA TYR A 213 -5.36 18.74 -8.89
C TYR A 213 -4.83 18.41 -7.50
N ALA A 214 -4.51 17.13 -7.26
CA ALA A 214 -3.86 16.75 -6.01
C ALA A 214 -2.53 17.49 -5.84
N ALA A 215 -1.71 17.57 -6.89
CA ALA A 215 -0.43 18.24 -6.74
C ALA A 215 -0.63 19.71 -6.39
N VAL A 216 -1.64 20.34 -6.98
CA VAL A 216 -1.94 21.73 -6.66
C VAL A 216 -2.36 21.86 -5.20
N ILE A 217 -3.34 21.07 -4.77
CA ILE A 217 -3.76 21.10 -3.36
C ILE A 217 -2.55 21.05 -2.43
N ASN A 218 -1.57 20.21 -2.74
CA ASN A 218 -0.38 20.13 -1.90
C ASN A 218 0.66 21.16 -2.30
N GLY A 219 0.20 22.30 -2.84
CA GLY A 219 1.05 23.45 -3.02
C GLY A 219 2.04 23.39 -4.18
N ASP A 220 1.85 22.47 -5.12
CA ASP A 220 2.77 22.29 -6.24
C ASP A 220 2.02 22.74 -7.50
N ARG A 221 2.43 23.86 -8.08
CA ARG A 221 1.67 24.44 -9.24
C ARG A 221 2.56 25.02 -10.34
N TRP A 222 3.80 24.58 -10.46
CA TRP A 222 4.69 25.06 -11.51
C TRP A 222 4.22 24.73 -12.93
N PHE A 223 3.39 23.68 -13.10
CA PHE A 223 2.90 23.27 -14.42
C PHE A 223 1.67 24.04 -14.88
N LEU A 224 1.05 24.83 -14.01
CA LEU A 224 -0.14 25.58 -14.35
C LEU A 224 0.17 26.71 -15.34
N ASN A 225 -0.86 27.19 -16.02
CA ASN A 225 -0.67 28.26 -16.98
C ASN A 225 -1.95 29.09 -17.06
N ARG A 226 -1.89 30.15 -17.87
CA ARG A 226 -3.02 31.06 -18.04
C ARG A 226 -3.89 30.70 -19.23
N PHE A 227 -3.40 29.85 -20.13
CA PHE A 227 -4.15 29.45 -21.31
C PHE A 227 -5.40 28.64 -20.92
N THR A 228 -6.28 28.43 -21.89
CA THR A 228 -7.39 27.50 -21.75
C THR A 228 -7.56 26.75 -23.07
N THR A 229 -8.57 25.88 -23.11
CA THR A 229 -8.78 25.04 -24.27
C THR A 229 -10.23 24.64 -24.27
N THR A 230 -10.73 24.33 -25.46
CA THR A 230 -12.02 23.70 -25.53
C THR A 230 -11.87 22.21 -25.26
N LEU A 231 -12.98 21.60 -24.93
CA LEU A 231 -12.99 20.17 -24.66
C LEU A 231 -12.58 19.39 -25.91
N ASN A 232 -13.13 19.77 -27.07
CA ASN A 232 -12.81 19.01 -28.27
C ASN A 232 -11.35 19.20 -28.66
N ASP A 233 -10.82 20.42 -28.54
CA ASP A 233 -9.41 20.64 -28.91
C ASP A 233 -8.47 19.91 -27.96
N PHE A 234 -8.76 19.92 -26.66
CA PHE A 234 -7.98 19.08 -25.76
C PHE A 234 -8.02 17.62 -26.20
N ASN A 235 -9.22 17.11 -26.50
CA ASN A 235 -9.33 15.69 -26.83
C ASN A 235 -8.57 15.35 -28.11
N LEU A 236 -8.46 16.28 -29.05
CA LEU A 236 -7.65 16.01 -30.24
C LEU A 236 -6.20 15.79 -29.85
N VAL A 237 -5.68 16.62 -28.95
CA VAL A 237 -4.29 16.49 -28.51
C VAL A 237 -4.11 15.22 -27.70
N ALA A 238 -5.03 14.97 -26.76
CA ALA A 238 -5.00 13.71 -26.01
C ALA A 238 -4.91 12.48 -26.90
N MET A 239 -5.79 12.36 -27.90
CA MET A 239 -5.76 11.19 -28.77
C MET A 239 -4.39 11.04 -29.41
N LYS A 240 -3.80 12.17 -29.79
CA LYS A 240 -2.51 12.15 -30.47
C LYS A 240 -1.44 11.52 -29.58
N TYR A 241 -1.53 11.73 -28.27
CA TYR A 241 -0.58 11.23 -27.29
C TYR A 241 -1.04 9.93 -26.61
N ASN A 242 -2.02 9.25 -27.19
CA ASN A 242 -2.56 7.99 -26.67
C ASN A 242 -3.02 8.17 -25.21
N TYR A 243 -3.69 9.29 -24.97
CA TYR A 243 -4.53 9.50 -23.80
C TYR A 243 -5.98 9.21 -24.16
N GLU A 244 -6.73 8.68 -23.19
CA GLU A 244 -8.15 8.41 -23.40
C GLU A 244 -8.93 9.71 -23.54
N PRO A 245 -10.06 9.67 -24.25
CA PRO A 245 -10.88 10.89 -24.36
C PRO A 245 -11.41 11.31 -23.00
N LEU A 246 -11.60 12.61 -22.85
CA LEU A 246 -12.23 13.18 -21.67
C LEU A 246 -13.66 13.51 -22.05
N THR A 247 -14.63 12.93 -21.30
CA THR A 247 -16.03 13.15 -21.55
C THR A 247 -16.58 14.27 -20.66
N GLN A 248 -17.79 14.74 -21.02
CA GLN A 248 -18.45 15.72 -20.15
C GLN A 248 -18.74 15.12 -18.77
N ASP A 249 -19.08 13.84 -18.70
CA ASP A 249 -19.19 13.19 -17.39
C ASP A 249 -17.91 13.33 -16.58
N HIS A 250 -16.75 13.16 -17.23
CA HIS A 250 -15.49 13.31 -16.52
C HIS A 250 -15.32 14.72 -16.00
N VAL A 251 -15.64 15.70 -16.86
CA VAL A 251 -15.56 17.10 -16.45
C VAL A 251 -16.43 17.31 -15.22
N ASP A 252 -17.67 16.80 -15.27
CA ASP A 252 -18.57 16.93 -14.13
C ASP A 252 -17.98 16.26 -12.89
N ILE A 253 -17.44 15.06 -13.08
CA ILE A 253 -16.88 14.30 -11.97
C ILE A 253 -15.76 15.07 -11.29
N LEU A 254 -15.04 15.89 -12.05
CA LEU A 254 -13.91 16.65 -11.54
C LEU A 254 -14.32 17.97 -10.90
N GLY A 255 -15.61 18.30 -10.93
CA GLY A 255 -16.11 19.54 -10.38
C GLY A 255 -15.60 19.85 -8.98
N PRO A 256 -15.83 18.94 -8.04
CA PRO A 256 -15.41 19.19 -6.66
C PRO A 256 -13.96 19.58 -6.54
N LEU A 257 -13.07 18.88 -7.25
CA LEU A 257 -11.67 19.27 -7.22
C LEU A 257 -11.45 20.62 -7.87
N SER A 258 -12.24 20.93 -8.91
CA SER A 258 -12.11 22.23 -9.57
C SER A 258 -12.51 23.34 -8.60
N ALA A 259 -13.67 23.18 -7.97
CA ALA A 259 -14.15 24.15 -6.98
C ALA A 259 -13.12 24.38 -5.89
N GLN A 260 -12.62 23.29 -5.30
CA GLN A 260 -11.73 23.40 -4.15
C GLN A 260 -10.49 24.21 -4.48
N THR A 261 -9.93 24.04 -5.67
CA THR A 261 -8.72 24.75 -6.06
C THR A 261 -9.01 26.01 -6.86
N GLY A 262 -10.25 26.21 -7.29
CA GLY A 262 -10.57 27.34 -8.16
C GLY A 262 -9.89 27.29 -9.50
N ILE A 263 -9.66 26.09 -10.03
CA ILE A 263 -9.06 25.93 -11.35
C ILE A 263 -10.08 25.21 -12.19
N ALA A 264 -10.59 25.88 -13.23
CA ALA A 264 -11.56 25.24 -14.09
C ALA A 264 -10.94 23.99 -14.70
N VAL A 265 -11.79 22.99 -14.89
CA VAL A 265 -11.35 21.73 -15.49
C VAL A 265 -10.63 21.99 -16.81
N LEU A 266 -11.20 22.83 -17.67
CA LEU A 266 -10.59 23.06 -18.97
C LEU A 266 -9.30 23.85 -18.86
N ASP A 267 -9.14 24.69 -17.82
CA ASP A 267 -7.84 25.27 -17.52
C ASP A 267 -6.81 24.19 -17.17
N MET A 268 -7.20 23.21 -16.34
CA MET A 268 -6.27 22.14 -16.04
C MET A 268 -5.97 21.31 -17.28
N CYS A 269 -6.97 21.15 -18.16
CA CYS A 269 -6.73 20.49 -19.44
C CYS A 269 -5.67 21.24 -20.25
N ALA A 270 -5.71 22.57 -20.19
CA ALA A 270 -4.70 23.35 -20.88
C ALA A 270 -3.31 23.12 -20.29
N SER A 271 -3.22 22.96 -18.96
CA SER A 271 -1.92 22.67 -18.35
C SER A 271 -1.42 21.30 -18.75
N LEU A 272 -2.31 20.30 -18.77
CA LEU A 272 -1.90 18.97 -19.20
C LEU A 272 -1.46 18.97 -20.66
N LYS A 273 -2.17 19.70 -21.52
CA LYS A 273 -1.78 19.76 -22.92
C LYS A 273 -0.34 20.26 -23.05
N GLU A 274 0.00 21.30 -22.29
CA GLU A 274 1.35 21.85 -22.31
C GLU A 274 2.37 20.81 -21.85
N LEU A 275 2.06 20.09 -20.77
CA LEU A 275 2.94 19.00 -20.31
C LEU A 275 3.14 17.94 -21.37
N LEU A 276 2.06 17.56 -22.08
CA LEU A 276 2.21 16.56 -23.13
C LEU A 276 3.11 17.06 -24.25
N GLN A 277 2.94 18.32 -24.65
CA GLN A 277 3.65 18.80 -25.83
C GLN A 277 5.10 19.13 -25.52
N ASN A 278 5.36 19.65 -24.31
CA ASN A 278 6.68 20.12 -23.92
C ASN A 278 7.43 19.17 -22.98
N GLY A 279 6.73 18.42 -22.15
CA GLY A 279 7.38 17.57 -21.18
C GLY A 279 7.51 18.26 -19.84
N MET A 280 8.16 17.57 -18.92
CA MET A 280 8.37 18.10 -17.58
C MET A 280 9.72 18.80 -17.43
N ASN A 281 10.55 18.81 -18.47
CA ASN A 281 11.82 19.53 -18.47
C ASN A 281 12.58 19.27 -17.16
N GLY A 282 12.68 18.00 -16.79
CA GLY A 282 13.39 17.63 -15.58
C GLY A 282 12.58 17.78 -14.32
N ARG A 283 11.67 18.74 -14.28
CA ARG A 283 10.86 18.96 -13.08
C ARG A 283 10.11 17.68 -12.72
N THR A 284 9.58 17.66 -11.50
CA THR A 284 8.79 16.54 -11.01
C THR A 284 7.51 17.08 -10.40
N ILE A 285 6.52 16.21 -10.31
CA ILE A 285 5.22 16.54 -9.74
C ILE A 285 4.91 15.48 -8.69
N LEU A 286 4.68 15.93 -7.46
CA LEU A 286 4.46 15.02 -6.34
C LEU A 286 5.49 13.90 -6.29
N GLY A 287 6.76 14.21 -6.60
CA GLY A 287 7.83 13.25 -6.54
C GLY A 287 8.11 12.48 -7.82
N SER A 288 7.19 12.52 -8.78
CA SER A 288 7.26 11.64 -9.94
C SER A 288 7.83 12.38 -11.15
N ALA A 289 8.72 11.71 -11.87
CA ALA A 289 9.15 12.21 -13.18
C ALA A 289 8.12 11.96 -14.28
N LEU A 290 7.00 11.32 -13.95
CA LEU A 290 6.04 10.88 -14.93
C LEU A 290 4.64 11.27 -14.47
N LEU A 291 3.74 11.43 -15.43
CA LEU A 291 2.36 11.75 -15.10
C LEU A 291 1.64 10.49 -14.62
N GLU A 292 1.07 10.57 -13.44
CA GLU A 292 0.47 9.43 -12.78
C GLU A 292 -1.01 9.34 -13.13
N ASP A 293 -1.47 8.13 -13.49
CA ASP A 293 -2.85 7.97 -13.95
C ASP A 293 -3.62 6.87 -13.22
N GLU A 294 -3.18 6.47 -12.02
CA GLU A 294 -3.92 5.47 -11.25
C GLU A 294 -4.50 6.01 -9.94
N PHE A 295 -4.77 7.32 -9.89
CA PHE A 295 -5.64 7.92 -8.91
C PHE A 295 -6.92 8.43 -9.57
N THR A 296 -8.06 7.95 -9.13
CA THR A 296 -9.33 8.47 -9.61
C THR A 296 -9.66 9.78 -8.91
N PRO A 297 -10.64 10.51 -9.42
CA PRO A 297 -11.11 11.70 -8.68
C PRO A 297 -11.56 11.35 -7.27
N PHE A 298 -12.34 10.27 -7.11
CA PHE A 298 -12.75 9.82 -5.78
C PHE A 298 -11.55 9.50 -4.89
N ASP A 299 -10.55 8.81 -5.41
CA ASP A 299 -9.34 8.53 -4.64
C ASP A 299 -8.70 9.82 -4.12
N VAL A 300 -8.58 10.82 -4.98
CA VAL A 300 -7.92 12.06 -4.58
C VAL A 300 -8.71 12.72 -3.46
N VAL A 301 -10.03 12.80 -3.62
CA VAL A 301 -10.88 13.43 -2.62
C VAL A 301 -10.80 12.68 -1.30
N ARG A 302 -11.08 11.38 -1.32
CA ARG A 302 -11.06 10.55 -0.13
C ARG A 302 -9.83 10.81 0.72
N GLN A 303 -8.70 11.08 0.06
CA GLN A 303 -7.45 11.36 0.74
C GLN A 303 -7.21 12.86 0.92
N CYS A 304 -8.23 13.68 0.71
CA CYS A 304 -8.13 15.11 0.98
C CYS A 304 -9.35 15.56 1.78
N PHE B 7 8.36 -2.28 -9.63
CA PHE B 7 8.22 -2.29 -8.17
C PHE B 7 7.19 -1.29 -7.69
N ARG B 8 6.53 -1.63 -6.59
CA ARG B 8 5.53 -0.74 -6.01
C ARG B 8 5.58 -0.84 -4.48
N LYS B 9 5.16 0.23 -3.83
CA LYS B 9 4.93 0.16 -2.39
C LYS B 9 3.81 -0.84 -2.11
N MET B 10 4.13 -1.84 -1.29
CA MET B 10 3.21 -2.88 -0.88
C MET B 10 3.08 -2.84 0.64
N ALA B 11 1.87 -2.68 1.14
CA ALA B 11 1.68 -2.69 2.59
C ALA B 11 1.47 -4.10 3.06
N PHE B 12 1.67 -4.31 4.36
CA PHE B 12 1.25 -5.56 4.96
C PHE B 12 -0.28 -5.64 5.06
N PRO B 13 -0.86 -6.83 4.98
CA PRO B 13 -2.29 -6.95 5.25
C PRO B 13 -2.57 -6.39 6.64
N SER B 14 -3.63 -5.65 6.73
CA SER B 14 -3.89 -4.86 7.93
C SER B 14 -4.84 -5.49 8.94
N GLY B 15 -5.40 -6.65 8.66
CA GLY B 15 -6.47 -7.16 9.50
C GLY B 15 -6.10 -7.36 10.95
N LYS B 16 -4.88 -7.86 11.22
CA LYS B 16 -4.49 -8.08 12.61
C LYS B 16 -4.41 -6.78 13.38
N VAL B 17 -4.15 -5.66 12.69
CA VAL B 17 -4.10 -4.37 13.37
C VAL B 17 -5.48 -3.74 13.44
N GLU B 18 -6.31 -3.93 12.40
CA GLU B 18 -7.67 -3.43 12.43
C GLU B 18 -8.38 -3.95 13.68
N GLY B 19 -8.12 -5.21 14.04
CA GLY B 19 -8.75 -5.82 15.22
C GLY B 19 -8.31 -5.24 16.56
N CYS B 20 -7.38 -4.29 16.54
CA CYS B 20 -6.86 -3.66 17.75
C CYS B 20 -7.21 -2.20 17.83
N MET B 21 -7.85 -1.63 16.84
CA MET B 21 -8.09 -0.20 16.87
C MET B 21 -9.34 0.13 17.68
N VAL B 22 -9.22 1.15 18.55
CA VAL B 22 -10.32 1.72 19.30
C VAL B 22 -10.27 3.23 19.23
N GLN B 23 -11.29 3.88 19.77
CA GLN B 23 -11.24 5.33 19.93
C GLN B 23 -11.16 5.69 21.40
N VAL B 24 -10.45 6.78 21.68
CA VAL B 24 -10.27 7.30 23.03
C VAL B 24 -10.66 8.76 23.02
N THR B 25 -11.60 9.12 23.89
CA THR B 25 -12.07 10.50 24.00
C THR B 25 -11.90 11.02 25.42
N CYS B 26 -11.43 12.27 25.49
CA CYS B 26 -11.45 13.10 26.68
C CYS B 26 -12.18 14.38 26.30
N GLY B 27 -13.25 14.70 27.01
CA GLY B 27 -14.03 15.86 26.65
C GLY B 27 -14.57 15.76 25.23
N THR B 28 -14.09 16.64 24.33
CA THR B 28 -14.48 16.61 22.93
C THR B 28 -13.35 16.16 22.01
N THR B 29 -12.21 15.80 22.56
CA THR B 29 -11.04 15.38 21.79
C THR B 29 -11.08 13.87 21.64
N THR B 30 -11.21 13.40 20.41
CA THR B 30 -11.22 11.98 20.12
C THR B 30 -10.01 11.67 19.27
N LEU B 31 -9.25 10.67 19.66
CA LEU B 31 -8.22 10.14 18.79
C LEU B 31 -8.28 8.62 18.87
N ASN B 32 -7.35 7.96 18.18
CA ASN B 32 -7.37 6.51 18.12
C ASN B 32 -6.47 5.92 19.19
N GLY B 33 -6.78 4.69 19.59
CA GLY B 33 -5.94 3.94 20.49
C GLY B 33 -5.77 2.51 20.01
N LEU B 34 -4.78 1.85 20.59
CA LEU B 34 -4.36 0.50 20.23
C LEU B 34 -4.64 -0.39 21.42
N TRP B 35 -5.53 -1.36 21.23
CA TRP B 35 -6.01 -2.22 22.33
C TRP B 35 -5.33 -3.58 22.18
N LEU B 36 -4.42 -3.89 23.10
CA LEU B 36 -3.69 -5.14 23.12
C LEU B 36 -3.80 -5.75 24.51
N ASP B 37 -4.25 -7.00 24.60
CA ASP B 37 -4.55 -7.62 25.88
C ASP B 37 -5.50 -6.68 26.61
N ASP B 38 -5.23 -6.32 27.86
CA ASP B 38 -6.11 -5.43 28.60
C ASP B 38 -5.56 -4.02 28.77
N VAL B 39 -4.80 -3.52 27.78
CA VAL B 39 -4.29 -2.16 27.80
C VAL B 39 -4.60 -1.48 26.49
N VAL B 40 -4.96 -0.21 26.56
CA VAL B 40 -5.13 0.66 25.41
C VAL B 40 -4.04 1.70 25.46
N TYR B 41 -3.31 1.84 24.34
CA TYR B 41 -2.22 2.77 24.18
C TYR B 41 -2.67 3.93 23.29
N CYS B 42 -2.38 5.17 23.66
CA CYS B 42 -2.77 6.28 22.81
C CYS B 42 -1.89 7.48 23.11
N PRO B 43 -1.89 8.49 22.25
CA PRO B 43 -1.09 9.70 22.49
C PRO B 43 -1.60 10.42 23.72
N ARG B 44 -0.66 10.84 24.56
CA ARG B 44 -1.07 11.51 25.79
C ARG B 44 -1.74 12.84 25.53
N HIS B 45 -1.57 13.45 24.36
CA HIS B 45 -2.22 14.73 24.16
C HIS B 45 -3.74 14.63 24.02
N VAL B 46 -4.32 13.44 24.14
CA VAL B 46 -5.77 13.36 24.25
C VAL B 46 -6.29 14.09 25.49
N ILE B 47 -5.48 14.24 26.53
CA ILE B 47 -5.93 14.95 27.74
C ILE B 47 -5.80 16.47 27.63
N CYS B 48 -5.32 16.98 26.52
CA CYS B 48 -5.14 18.42 26.36
C CYS B 48 -6.43 19.06 25.86
N THR B 49 -6.74 20.24 26.40
CA THR B 49 -7.67 21.13 25.73
C THR B 49 -6.88 21.98 24.74
N SER B 50 -7.60 22.72 23.89
CA SER B 50 -6.91 23.61 22.95
C SER B 50 -5.97 24.56 23.68
N GLU B 51 -6.32 24.96 24.90
CA GLU B 51 -5.50 25.93 25.64
C GLU B 51 -4.23 25.29 26.18
N ASP B 52 -4.21 23.98 26.38
CA ASP B 52 -3.05 23.31 26.95
C ASP B 52 -1.99 22.99 25.90
N MET B 53 -2.33 23.08 24.62
CA MET B 53 -1.50 22.48 23.59
C MET B 53 -0.18 23.22 23.36
N LEU B 54 -0.15 24.54 23.61
CA LEU B 54 1.06 25.31 23.30
C LEU B 54 2.21 24.90 24.21
N ASN B 55 1.96 24.74 25.49
CA ASN B 55 2.95 24.18 26.41
C ASN B 55 2.22 23.46 27.54
N PRO B 56 1.71 22.26 27.26
CA PRO B 56 0.95 21.56 28.30
C PRO B 56 1.87 21.06 29.40
N ASN B 57 1.38 21.14 30.64
CA ASN B 57 2.02 20.43 31.76
C ASN B 57 1.31 19.08 31.86
N TYR B 58 1.83 18.12 31.10
CA TYR B 58 1.16 16.82 30.99
C TYR B 58 0.99 16.18 32.36
N GLU B 59 2.04 16.23 33.19
CA GLU B 59 1.96 15.65 34.52
C GLU B 59 0.85 16.32 35.34
N ASP B 60 0.78 17.65 35.30
CA ASP B 60 -0.28 18.32 36.03
C ASP B 60 -1.64 18.04 35.41
N LEU B 61 -1.72 17.96 34.08
CA LEU B 61 -3.00 17.69 33.45
C LEU B 61 -3.49 16.28 33.82
N LEU B 62 -2.56 15.34 33.96
CA LEU B 62 -2.96 13.96 34.22
C LEU B 62 -3.43 13.77 35.66
N ILE B 63 -2.85 14.50 36.62
CA ILE B 63 -3.29 14.36 38.00
C ILE B 63 -4.75 14.77 38.15
N ARG B 64 -5.23 15.64 37.29
CA ARG B 64 -6.62 16.07 37.35
C ARG B 64 -7.57 15.04 36.74
N LYS B 65 -7.05 13.98 36.15
CA LYS B 65 -7.87 12.98 35.47
C LYS B 65 -8.06 11.77 36.35
N SER B 66 -9.22 11.15 36.20
CA SER B 66 -9.57 9.88 36.82
C SER B 66 -9.92 8.86 35.74
N ASN B 67 -9.93 7.59 36.13
CA ASN B 67 -10.31 6.56 35.17
C ASN B 67 -11.63 6.89 34.48
N HIS B 68 -12.60 7.44 35.23
CA HIS B 68 -13.94 7.64 34.67
C HIS B 68 -14.02 8.86 33.74
N ASN B 69 -12.93 9.61 33.53
CA ASN B 69 -12.90 10.69 32.55
C ASN B 69 -12.56 10.22 31.15
N PHE B 70 -12.12 8.96 30.98
CA PHE B 70 -11.65 8.47 29.68
C PHE B 70 -12.76 7.62 29.07
N LEU B 71 -13.22 8.00 27.87
CA LEU B 71 -14.21 7.25 27.10
C LEU B 71 -13.48 6.43 26.06
N VAL B 72 -13.40 5.12 26.26
CA VAL B 72 -12.75 4.20 25.32
C VAL B 72 -13.86 3.38 24.67
N GLN B 73 -13.87 3.34 23.34
CA GLN B 73 -14.91 2.62 22.62
C GLN B 73 -14.33 1.77 21.51
N ALA B 74 -14.80 0.53 21.40
CA ALA B 74 -14.60 -0.27 20.19
C ALA B 74 -15.91 -0.23 19.43
N GLY B 75 -15.90 0.46 18.30
CA GLY B 75 -17.17 0.84 17.72
C GLY B 75 -17.95 1.72 18.68
N ASN B 76 -19.22 1.38 18.91
CA ASN B 76 -20.08 2.07 19.85
C ASN B 76 -20.07 1.45 21.24
N VAL B 77 -19.25 0.43 21.45
CA VAL B 77 -19.25 -0.31 22.70
C VAL B 77 -18.16 0.25 23.61
N GLN B 78 -18.59 0.75 24.77
CA GLN B 78 -17.64 1.30 25.72
C GLN B 78 -16.85 0.20 26.40
N LEU B 79 -15.55 0.44 26.53
CA LEU B 79 -14.61 -0.37 27.27
C LEU B 79 -14.27 0.35 28.58
N ARG B 80 -14.55 -0.30 29.70
CA ARG B 80 -14.35 0.36 31.00
C ARG B 80 -12.86 0.45 31.36
N VAL B 81 -12.43 1.65 31.72
CA VAL B 81 -11.06 1.92 32.14
C VAL B 81 -10.93 1.69 33.64
N ILE B 82 -9.91 0.93 34.04
CA ILE B 82 -9.68 0.58 35.43
C ILE B 82 -8.31 1.01 35.93
N GLY B 83 -7.51 1.68 35.11
CA GLY B 83 -6.27 2.28 35.56
C GLY B 83 -5.70 3.12 34.44
N HIS B 84 -4.76 3.99 34.81
CA HIS B 84 -4.17 4.86 33.79
C HIS B 84 -2.77 5.23 34.23
N SER B 85 -1.90 5.40 33.25
CA SER B 85 -0.56 5.86 33.55
C SER B 85 0.01 6.45 32.28
N MET B 86 1.06 7.23 32.46
CA MET B 86 1.76 7.84 31.34
C MET B 86 3.16 7.25 31.24
N GLN B 87 3.57 6.92 30.02
CA GLN B 87 4.91 6.42 29.73
C GLN B 87 5.44 7.29 28.60
N ASN B 88 6.38 8.19 28.92
CA ASN B 88 6.85 9.17 27.97
C ASN B 88 5.67 9.88 27.34
N CYS B 89 5.49 9.84 26.02
CA CYS B 89 4.40 10.58 25.39
C CYS B 89 3.15 9.74 25.08
N VAL B 90 3.05 8.54 25.64
CA VAL B 90 1.85 7.73 25.43
CA VAL B 90 1.90 7.66 25.44
C VAL B 90 1.14 7.54 26.77
N LEU B 91 -0.17 7.46 26.67
CA LEU B 91 -1.03 7.11 27.78
C LEU B 91 -1.35 5.62 27.67
N LYS B 92 -1.35 4.95 28.81
CA LYS B 92 -1.73 3.55 28.89
C LYS B 92 -2.95 3.45 29.77
N LEU B 93 -4.04 2.98 29.21
CA LEU B 93 -5.28 2.86 29.94
C LEU B 93 -5.55 1.37 30.13
N LYS B 94 -5.54 0.91 31.40
CA LYS B 94 -5.92 -0.46 31.69
C LYS B 94 -7.44 -0.57 31.60
N VAL B 95 -7.92 -1.59 30.91
CA VAL B 95 -9.34 -1.79 30.68
C VAL B 95 -9.74 -3.15 31.27
N ASP B 96 -11.04 -3.35 31.43
CA ASP B 96 -11.46 -4.55 32.13
C ASP B 96 -11.69 -5.74 31.24
N THR B 97 -11.36 -5.65 29.95
CA THR B 97 -11.59 -6.69 28.97
C THR B 97 -10.32 -6.88 28.15
N ALA B 98 -9.86 -8.12 28.07
CA ALA B 98 -8.73 -8.47 27.21
C ALA B 98 -9.21 -8.54 25.77
N ASN B 99 -8.51 -7.85 24.87
CA ASN B 99 -8.95 -7.86 23.48
C ASN B 99 -8.85 -9.28 22.92
N PRO B 100 -9.97 -9.93 22.56
CA PRO B 100 -9.86 -11.29 22.01
C PRO B 100 -9.18 -11.36 20.64
N LYS B 101 -9.04 -10.25 19.93
CA LYS B 101 -8.34 -10.22 18.64
C LYS B 101 -6.87 -9.84 18.78
N THR B 102 -6.32 -9.81 20.01
CA THR B 102 -4.92 -9.46 20.19
C THR B 102 -4.07 -10.44 19.38
N PRO B 103 -3.22 -9.96 18.48
CA PRO B 103 -2.31 -10.84 17.76
C PRO B 103 -1.09 -11.12 18.60
N LYS B 104 -0.25 -12.06 18.12
CA LYS B 104 1.11 -12.06 18.64
C LYS B 104 1.76 -10.72 18.26
N TYR B 105 2.39 -10.07 19.21
CA TYR B 105 2.94 -8.74 18.91
C TYR B 105 4.19 -8.45 19.72
N LYS B 106 4.93 -7.45 19.24
CA LYS B 106 5.98 -6.84 20.02
C LYS B 106 6.05 -5.38 19.64
N PHE B 107 6.74 -4.62 20.48
CA PHE B 107 6.99 -3.18 20.31
C PHE B 107 8.45 -3.04 19.87
N VAL B 108 8.69 -2.41 18.72
CA VAL B 108 10.04 -2.24 18.22
C VAL B 108 10.28 -0.77 17.90
N ARG B 109 11.52 -0.34 18.05
CA ARG B 109 11.93 1.01 17.68
C ARG B 109 12.77 0.90 16.43
N ILE B 110 12.31 1.48 15.33
CA ILE B 110 12.97 1.24 14.05
C ILE B 110 14.04 2.29 13.84
N GLN B 111 14.92 2.05 12.85
CA GLN B 111 15.95 2.98 12.43
C GLN B 111 15.49 3.80 11.23
N PRO B 112 16.07 4.98 11.03
CA PRO B 112 15.80 5.68 9.77
C PRO B 112 16.13 4.82 8.58
N GLY B 113 15.33 4.97 7.53
CA GLY B 113 15.41 4.15 6.36
C GLY B 113 14.47 2.96 6.38
N GLN B 114 14.08 2.50 7.57
CA GLN B 114 13.21 1.35 7.62
C GLN B 114 11.80 1.76 7.19
N THR B 115 11.09 0.81 6.60
CA THR B 115 9.73 1.03 6.11
C THR B 115 8.78 0.30 7.03
N PHE B 116 7.53 0.74 6.97
CA PHE B 116 6.46 0.13 7.75
C PHE B 116 5.13 0.50 7.12
N SER B 117 4.11 -0.28 7.45
CA SER B 117 2.77 0.00 6.99
C SER B 117 2.08 0.84 8.02
N VAL B 118 1.29 1.80 7.54
CA VAL B 118 0.47 2.66 8.39
C VAL B 118 -0.98 2.31 8.14
N LEU B 119 -1.76 2.09 9.22
CA LEU B 119 -3.19 1.93 9.07
C LEU B 119 -3.81 3.26 9.51
N ALA B 120 -4.19 4.08 8.54
CA ALA B 120 -4.74 5.39 8.87
C ALA B 120 -6.14 5.19 9.42
N CYS B 121 -6.42 5.78 10.58
CA CYS B 121 -7.69 5.59 11.27
C CYS B 121 -8.28 6.93 11.68
N TYR B 122 -9.61 6.98 11.70
CA TYR B 122 -10.35 8.13 12.19
C TYR B 122 -11.48 7.61 13.06
N ASN B 123 -11.57 8.10 14.30
CA ASN B 123 -12.60 7.66 15.23
C ASN B 123 -12.59 6.15 15.44
N GLY B 124 -11.40 5.54 15.48
CA GLY B 124 -11.28 4.12 15.69
C GLY B 124 -11.60 3.28 14.48
N SER B 125 -11.93 3.90 13.35
CA SER B 125 -12.33 3.21 12.13
C SER B 125 -11.22 3.31 11.11
N PRO B 126 -10.68 2.19 10.63
CA PRO B 126 -9.61 2.27 9.63
C PRO B 126 -10.13 2.78 8.29
N SER B 127 -9.35 3.66 7.66
CA SER B 127 -9.68 4.22 6.36
C SER B 127 -8.77 3.75 5.24
N GLY B 128 -7.51 3.44 5.52
CA GLY B 128 -6.60 3.04 4.45
C GLY B 128 -5.30 2.54 5.01
N VAL B 129 -4.54 1.86 4.16
CA VAL B 129 -3.26 1.32 4.55
CA VAL B 129 -3.26 1.28 4.53
C VAL B 129 -2.24 1.63 3.46
N TYR B 130 -1.05 2.03 3.88
CA TYR B 130 -0.02 2.39 2.92
C TYR B 130 1.34 2.27 3.56
N GLN B 131 2.37 2.19 2.72
CA GLN B 131 3.72 1.98 3.19
C GLN B 131 4.41 3.32 3.37
N CYS B 132 5.14 3.47 4.47
CA CYS B 132 5.89 4.68 4.81
C CYS B 132 7.36 4.35 5.02
N ALA B 133 8.24 5.30 4.73
CA ALA B 133 9.64 5.16 5.10
C ALA B 133 9.98 6.20 6.16
N MET B 134 10.69 5.78 7.22
CA MET B 134 11.21 6.73 8.19
C MET B 134 12.40 7.43 7.56
N ARG B 135 12.29 8.76 7.40
CA ARG B 135 13.37 9.54 6.78
C ARG B 135 14.53 9.68 7.75
N PRO B 136 15.73 10.02 7.24
CA PRO B 136 16.87 10.20 8.14
C PRO B 136 16.67 11.34 9.12
N ASN B 137 15.80 12.29 8.82
CA ASN B 137 15.48 13.34 9.77
C ASN B 137 14.30 12.97 10.67
N PHE B 138 13.90 11.70 10.66
CA PHE B 138 12.91 11.18 11.63
C PHE B 138 11.52 11.77 11.42
N THR B 139 11.17 12.09 10.19
CA THR B 139 9.82 12.36 9.77
C THR B 139 9.36 11.28 8.79
N ILE B 140 8.05 11.18 8.62
CA ILE B 140 7.47 10.38 7.55
C ILE B 140 6.57 11.25 6.70
N LYS B 141 6.39 10.83 5.46
CA LYS B 141 5.47 11.46 4.51
C LYS B 141 4.17 10.66 4.54
N GLY B 142 3.39 10.89 5.57
CA GLY B 142 2.12 10.23 5.75
C GLY B 142 1.02 10.94 5.00
N SER B 143 -0.16 10.35 5.07
CA SER B 143 -1.39 10.97 4.60
C SER B 143 -2.26 10.97 5.85
N PHE B 144 -2.10 12.00 6.67
CA PHE B 144 -2.73 12.08 7.98
C PHE B 144 -3.54 13.37 8.08
N LEU B 145 -4.83 13.23 8.34
CA LEU B 145 -5.74 14.35 8.55
C LEU B 145 -6.03 14.52 10.05
N ASN B 146 -6.78 15.58 10.36
CA ASN B 146 -7.27 15.73 11.72
C ASN B 146 -7.96 14.45 12.15
N GLY B 147 -7.69 14.05 13.39
CA GLY B 147 -8.30 12.88 13.94
C GLY B 147 -7.50 11.61 13.73
N SER B 148 -6.38 11.68 13.02
CA SER B 148 -5.57 10.50 12.74
C SER B 148 -4.64 10.11 13.88
N CYS B 149 -4.42 10.97 14.88
CA CYS B 149 -3.45 10.62 15.90
C CYS B 149 -3.84 9.30 16.55
N GLY B 150 -2.81 8.55 16.92
CA GLY B 150 -3.02 7.24 17.46
C GLY B 150 -3.05 6.14 16.43
N SER B 151 -3.18 6.48 15.15
CA SER B 151 -2.91 5.51 14.09
C SER B 151 -1.48 4.99 14.24
N VAL B 152 -1.28 3.71 13.89
CA VAL B 152 0.00 3.06 14.15
C VAL B 152 0.63 2.56 12.86
N GLY B 153 1.93 2.41 12.95
CA GLY B 153 2.73 1.78 11.91
C GLY B 153 3.28 0.47 12.42
N PHE B 154 3.42 -0.49 11.50
CA PHE B 154 3.76 -1.86 11.87
C PHE B 154 4.43 -2.58 10.72
N ASN B 155 5.09 -3.68 11.06
CA ASN B 155 5.56 -4.72 10.14
C ASN B 155 5.04 -6.05 10.67
N ILE B 156 4.87 -7.01 9.78
CA ILE B 156 4.39 -8.34 10.15
C ILE B 156 5.42 -9.35 9.70
N ASP B 157 5.86 -10.21 10.62
CA ASP B 157 6.81 -11.29 10.32
C ASP B 157 6.20 -12.56 10.85
N TYR B 158 5.84 -13.48 9.95
CA TYR B 158 5.21 -14.75 10.32
C TYR B 158 3.91 -14.38 11.03
N ASP B 159 3.67 -14.80 12.26
CA ASP B 159 2.40 -14.45 12.90
C ASP B 159 2.49 -13.17 13.69
N CYS B 160 3.64 -12.49 13.68
CA CYS B 160 3.97 -11.52 14.71
C CYS B 160 3.88 -10.11 14.16
N VAL B 161 3.08 -9.28 14.84
CA VAL B 161 3.00 -7.87 14.50
C VAL B 161 4.02 -7.11 15.33
N SER B 162 4.96 -6.41 14.66
CA SER B 162 5.89 -5.52 15.32
C SER B 162 5.40 -4.09 15.16
N PHE B 163 4.88 -3.51 16.24
CA PHE B 163 4.43 -2.14 16.20
C PHE B 163 5.62 -1.23 16.38
N CYS B 164 5.78 -0.26 15.48
CA CYS B 164 6.93 0.63 15.53
C CYS B 164 6.60 2.12 15.59
N TYR B 165 5.36 2.54 15.30
CA TYR B 165 5.06 3.96 15.18
C TYR B 165 3.64 4.24 15.66
N MET B 166 3.48 5.36 16.34
CA MET B 166 2.16 5.88 16.71
C MET B 166 2.15 7.35 16.33
N HIS B 167 1.10 7.79 15.66
CA HIS B 167 1.10 9.12 15.09
C HIS B 167 0.70 10.20 16.08
N HIS B 168 1.46 11.31 16.07
CA HIS B 168 1.17 12.42 16.99
C HIS B 168 1.03 13.80 16.33
N MET B 169 1.75 14.11 15.24
CA MET B 169 1.70 15.51 14.81
C MET B 169 2.18 15.72 13.38
N GLU B 170 1.80 16.88 12.85
CA GLU B 170 2.23 17.35 11.53
C GLU B 170 3.11 18.57 11.72
N LEU B 171 4.21 18.60 11.03
CA LEU B 171 5.13 19.72 11.05
C LEU B 171 4.72 20.76 10.02
N PRO B 172 5.24 21.99 10.13
CA PRO B 172 4.82 23.05 9.20
C PRO B 172 4.99 22.68 7.74
N THR B 173 5.97 21.83 7.39
CA THR B 173 6.23 21.45 6.01
C THR B 173 5.31 20.35 5.48
N GLY B 174 4.36 19.86 6.27
CA GLY B 174 3.46 18.84 5.79
C GLY B 174 3.90 17.41 6.06
N VAL B 175 5.08 17.20 6.63
CA VAL B 175 5.54 15.87 7.00
C VAL B 175 5.08 15.58 8.43
N HIS B 176 5.29 14.34 8.87
CA HIS B 176 4.64 13.83 10.07
C HIS B 176 5.68 13.28 11.04
N ALA B 177 5.32 13.32 12.32
CA ALA B 177 6.18 12.91 13.41
C ALA B 177 5.37 12.15 14.47
N GLY B 178 6.06 11.27 15.16
CA GLY B 178 5.41 10.41 16.11
C GLY B 178 6.41 9.66 16.96
N THR B 179 5.90 8.71 17.72
CA THR B 179 6.67 7.97 18.70
C THR B 179 6.67 6.50 18.39
N ASP B 180 7.49 5.77 19.14
CA ASP B 180 7.37 4.32 19.21
C ASP B 180 6.26 4.02 20.22
N LEU B 181 6.01 2.76 20.50
CA LEU B 181 4.89 2.38 21.35
C LEU B 181 5.27 2.43 22.83
N GLU B 182 6.52 2.76 23.16
CA GLU B 182 6.90 3.16 24.50
C GLU B 182 6.80 4.67 24.68
N GLY B 183 6.34 5.41 23.67
CA GLY B 183 6.09 6.82 23.76
C GLY B 183 7.28 7.73 23.52
N ASN B 184 8.40 7.17 23.05
CA ASN B 184 9.58 7.99 22.76
C ASN B 184 9.52 8.49 21.32
N PHE B 185 9.56 9.82 21.15
CA PHE B 185 9.53 10.39 19.81
C PHE B 185 10.70 9.87 18.99
N TYR B 186 10.45 9.66 17.71
CA TYR B 186 11.53 9.60 16.72
C TYR B 186 11.97 11.02 16.44
N GLY B 187 13.27 11.25 16.48
CA GLY B 187 13.78 12.59 16.20
C GLY B 187 13.64 13.55 17.35
N PRO B 188 13.94 14.84 17.11
CA PRO B 188 14.02 15.80 18.21
C PRO B 188 12.72 16.55 18.48
N PHE B 189 11.58 15.89 18.28
CA PHE B 189 10.30 16.56 18.36
C PHE B 189 9.65 16.32 19.72
N VAL B 190 8.74 17.22 20.08
CA VAL B 190 7.99 17.16 21.32
C VAL B 190 6.52 17.40 21.03
N ASP B 191 5.65 16.81 21.87
CA ASP B 191 4.21 16.91 21.63
C ASP B 191 3.65 18.19 22.23
N ARG B 192 4.05 19.31 21.64
CA ARG B 192 3.53 20.63 21.94
C ARG B 192 3.24 21.33 20.62
N GLN B 193 2.18 22.11 20.61
CA GLN B 193 1.75 22.80 19.40
C GLN B 193 2.60 24.05 19.19
N THR B 194 3.92 23.89 19.21
CA THR B 194 4.89 24.97 19.11
C THR B 194 5.58 24.91 17.75
N ALA B 195 6.54 25.82 17.54
CA ALA B 195 7.29 25.90 16.29
C ALA B 195 8.40 24.86 16.27
N GLN B 196 8.32 23.92 15.33
CA GLN B 196 9.30 22.86 15.21
C GLN B 196 9.58 22.59 13.74
N ALA B 197 10.84 22.36 13.43
CA ALA B 197 11.23 22.05 12.06
C ALA B 197 12.10 20.80 12.05
N ALA B 198 11.98 20.05 10.97
CA ALA B 198 12.83 18.88 10.80
C ALA B 198 14.23 19.28 10.33
N GLY B 199 15.21 18.45 10.68
CA GLY B 199 16.53 18.55 10.09
C GLY B 199 16.46 18.45 8.58
N THR B 200 17.44 18.98 7.85
CA THR B 200 17.36 18.82 6.40
C THR B 200 17.40 17.34 6.07
N ASP B 201 16.58 16.94 5.12
CA ASP B 201 16.56 15.52 4.86
C ASP B 201 17.70 15.12 3.93
N THR B 202 18.01 13.83 3.95
CA THR B 202 19.02 13.23 3.12
C THR B 202 18.45 11.99 2.46
N THR B 203 19.20 11.46 1.50
CA THR B 203 18.82 10.28 0.76
C THR B 203 19.27 9.04 1.50
N ILE B 204 18.38 8.03 1.54
CA ILE B 204 18.58 6.81 2.33
C ILE B 204 19.47 5.86 1.51
N THR B 205 20.78 5.96 1.75
CA THR B 205 21.76 5.22 0.94
C THR B 205 21.51 3.73 0.93
N VAL B 206 21.26 3.15 2.11
CA VAL B 206 21.10 1.69 2.16
C VAL B 206 19.96 1.25 1.25
N ASN B 207 18.92 2.06 1.13
CA ASN B 207 17.78 1.71 0.29
C ASN B 207 18.08 1.91 -1.19
N VAL B 208 18.87 2.93 -1.51
CA VAL B 208 19.29 3.04 -2.92
C VAL B 208 20.11 1.82 -3.31
N LEU B 209 21.01 1.41 -2.44
CA LEU B 209 21.79 0.20 -2.75
C LEU B 209 20.87 -1.00 -2.93
N ALA B 210 19.87 -1.14 -2.07
CA ALA B 210 18.89 -2.24 -2.23
C ALA B 210 18.24 -2.17 -3.60
N TRP B 211 17.89 -0.97 -4.03
CA TRP B 211 17.30 -0.74 -5.35
C TRP B 211 18.25 -1.14 -6.47
N LEU B 212 19.53 -0.83 -6.33
CA LEU B 212 20.50 -1.24 -7.35
C LEU B 212 20.60 -2.76 -7.40
N TYR B 213 20.60 -3.40 -6.23
CA TYR B 213 20.60 -4.86 -6.20
C TYR B 213 19.37 -5.41 -6.91
N ALA B 214 18.20 -4.81 -6.69
CA ALA B 214 16.99 -5.23 -7.36
C ALA B 214 17.14 -5.11 -8.87
N ALA B 215 17.73 -4.03 -9.33
CA ALA B 215 17.97 -3.85 -10.76
C ALA B 215 18.83 -4.97 -11.30
N VAL B 216 19.90 -5.32 -10.57
CA VAL B 216 20.78 -6.40 -11.01
C VAL B 216 20.00 -7.71 -11.10
N ILE B 217 19.17 -8.01 -10.07
CA ILE B 217 18.41 -9.26 -10.05
C ILE B 217 17.55 -9.37 -11.30
N ASN B 218 17.06 -8.24 -11.81
CA ASN B 218 16.17 -8.17 -12.95
C ASN B 218 16.92 -7.98 -14.25
N GLY B 219 18.23 -8.10 -14.21
CA GLY B 219 19.08 -8.08 -15.40
C GLY B 219 19.52 -6.70 -15.89
N ASP B 220 19.29 -5.66 -15.12
CA ASP B 220 19.62 -4.30 -15.50
C ASP B 220 20.87 -3.92 -14.71
N ARG B 221 22.07 -4.05 -15.34
CA ARG B 221 23.32 -4.00 -14.58
C ARG B 221 24.42 -3.20 -15.27
N TRP B 222 24.05 -2.26 -16.15
CA TRP B 222 25.05 -1.45 -16.85
C TRP B 222 25.97 -0.66 -15.92
N PHE B 223 25.52 -0.36 -14.69
CA PHE B 223 26.21 0.52 -13.77
C PHE B 223 27.27 -0.17 -12.92
N LEU B 224 27.37 -1.49 -13.00
CA LEU B 224 28.39 -2.22 -12.26
C LEU B 224 29.76 -1.94 -12.87
N ASN B 225 30.79 -1.76 -12.02
CA ASN B 225 32.14 -1.42 -12.46
C ASN B 225 33.15 -2.37 -11.84
N ARG B 226 34.42 -2.22 -12.25
CA ARG B 226 35.48 -3.15 -11.89
C ARG B 226 36.16 -2.78 -10.57
N PHE B 227 35.65 -1.80 -9.85
CA PHE B 227 36.35 -1.20 -8.72
C PHE B 227 35.57 -1.40 -7.42
N THR B 228 36.23 -1.03 -6.32
CA THR B 228 35.66 -1.12 -4.99
C THR B 228 36.08 0.13 -4.22
N THR B 229 35.67 0.19 -2.97
CA THR B 229 35.92 1.34 -2.11
C THR B 229 35.98 0.83 -0.69
N THR B 230 36.56 1.63 0.19
CA THR B 230 36.33 1.38 1.61
C THR B 230 35.02 2.03 2.02
N LEU B 231 34.49 1.55 3.15
CA LEU B 231 33.27 2.12 3.70
C LEU B 231 33.47 3.58 4.09
N ASN B 232 34.60 3.90 4.71
CA ASN B 232 34.84 5.28 5.09
C ASN B 232 35.00 6.18 3.87
N ASP B 233 35.77 5.75 2.86
CA ASP B 233 35.88 6.59 1.66
C ASP B 233 34.51 6.81 1.03
N PHE B 234 33.68 5.75 0.96
CA PHE B 234 32.35 5.94 0.40
C PHE B 234 31.52 6.94 1.21
N ASN B 235 31.56 6.82 2.54
CA ASN B 235 30.74 7.69 3.38
C ASN B 235 31.13 9.16 3.21
N LEU B 236 32.41 9.45 3.11
CA LEU B 236 32.83 10.85 2.95
C LEU B 236 32.36 11.42 1.62
N VAL B 237 32.39 10.62 0.56
CA VAL B 237 31.85 11.06 -0.72
C VAL B 237 30.33 11.23 -0.64
N ALA B 238 29.63 10.21 -0.10
CA ALA B 238 28.18 10.22 -0.08
C ALA B 238 27.64 11.48 0.59
N MET B 239 28.25 11.88 1.71
CA MET B 239 27.82 13.09 2.40
C MET B 239 27.88 14.32 1.49
N LYS B 240 28.84 14.38 0.55
CA LYS B 240 28.91 15.55 -0.32
C LYS B 240 27.73 15.61 -1.29
N TYR B 241 27.02 14.49 -1.49
CA TYR B 241 25.83 14.46 -2.33
C TYR B 241 24.52 14.37 -1.54
N ASN B 242 24.57 14.63 -0.23
CA ASN B 242 23.38 14.62 0.64
C ASN B 242 22.79 13.23 0.75
N TYR B 243 23.66 12.24 0.64
CA TYR B 243 23.35 10.86 0.96
C TYR B 243 23.78 10.57 2.40
N GLU B 244 23.03 9.71 3.07
CA GLU B 244 23.37 9.25 4.41
C GLU B 244 24.63 8.41 4.39
N PRO B 245 25.48 8.51 5.41
CA PRO B 245 26.56 7.53 5.55
C PRO B 245 25.96 6.17 5.91
N LEU B 246 26.66 5.13 5.48
CA LEU B 246 26.30 3.78 5.85
C LEU B 246 26.84 3.43 7.22
N THR B 247 26.07 2.64 7.94
CA THR B 247 26.48 2.03 9.20
C THR B 247 26.84 0.56 8.95
N GLN B 248 27.44 -0.05 9.98
CA GLN B 248 27.71 -1.49 9.93
C GLN B 248 26.41 -2.28 9.80
N ASP B 249 25.34 -1.82 10.45
CA ASP B 249 24.05 -2.51 10.33
C ASP B 249 23.53 -2.46 8.90
N HIS B 250 23.73 -1.34 8.20
CA HIS B 250 23.35 -1.25 6.79
C HIS B 250 24.10 -2.26 5.94
N VAL B 251 25.42 -2.36 6.17
CA VAL B 251 26.21 -3.34 5.45
C VAL B 251 25.66 -4.72 5.70
N ASP B 252 25.30 -5.00 6.96
CA ASP B 252 24.79 -6.33 7.31
C ASP B 252 23.45 -6.62 6.64
N ILE B 253 22.52 -5.67 6.63
CA ILE B 253 21.21 -5.99 6.07
C ILE B 253 21.23 -6.06 4.55
N LEU B 254 22.30 -5.58 3.91
CA LEU B 254 22.49 -5.84 2.49
C LEU B 254 23.09 -7.21 2.21
N GLY B 255 23.48 -7.96 3.25
CA GLY B 255 24.06 -9.28 3.11
C GLY B 255 23.30 -10.21 2.17
N PRO B 256 22.00 -10.37 2.41
CA PRO B 256 21.25 -11.37 1.61
C PRO B 256 21.25 -11.02 0.12
N LEU B 257 21.08 -9.73 -0.22
CA LEU B 257 21.07 -9.33 -1.63
C LEU B 257 22.45 -9.44 -2.24
N SER B 258 23.48 -9.13 -1.46
CA SER B 258 24.86 -9.34 -1.91
C SER B 258 25.11 -10.81 -2.20
N ALA B 259 24.60 -11.70 -1.35
CA ALA B 259 24.78 -13.14 -1.59
C ALA B 259 24.00 -13.59 -2.81
N GLN B 260 22.81 -13.03 -3.01
CA GLN B 260 21.96 -13.46 -4.11
C GLN B 260 22.53 -13.06 -5.46
N THR B 261 23.27 -11.94 -5.51
CA THR B 261 23.84 -11.43 -6.75
C THR B 261 25.34 -11.68 -6.91
N GLY B 262 26.06 -12.01 -5.83
CA GLY B 262 27.50 -12.14 -5.86
C GLY B 262 28.24 -10.83 -5.96
N ILE B 263 27.55 -9.73 -5.74
CA ILE B 263 28.16 -8.40 -5.79
C ILE B 263 28.39 -7.95 -4.35
N ALA B 264 29.66 -7.86 -3.96
CA ALA B 264 30.00 -7.42 -2.63
C ALA B 264 29.39 -6.05 -2.37
N VAL B 265 28.97 -5.82 -1.13
CA VAL B 265 28.40 -4.54 -0.75
C VAL B 265 29.32 -3.37 -1.15
N LEU B 266 30.62 -3.47 -0.85
CA LEU B 266 31.51 -2.35 -1.15
C LEU B 266 31.75 -2.18 -2.63
N ASP B 267 31.58 -3.25 -3.43
CA ASP B 267 31.62 -3.05 -4.88
C ASP B 267 30.40 -2.30 -5.36
N MET B 268 29.21 -2.61 -4.80
CA MET B 268 28.03 -1.85 -5.17
C MET B 268 28.19 -0.39 -4.73
N CYS B 269 28.79 -0.16 -3.58
CA CYS B 269 29.05 1.21 -3.15
C CYS B 269 29.89 1.95 -4.17
N ALA B 270 30.90 1.29 -4.74
CA ALA B 270 31.72 1.93 -5.74
C ALA B 270 30.92 2.24 -7.00
N SER B 271 30.00 1.35 -7.38
CA SER B 271 29.08 1.65 -8.49
C SER B 271 28.19 2.84 -8.16
N LEU B 272 27.70 2.92 -6.94
CA LEU B 272 26.86 4.04 -6.60
C LEU B 272 27.66 5.34 -6.59
N LYS B 273 28.88 5.28 -6.04
CA LYS B 273 29.75 6.46 -6.02
C LYS B 273 29.96 6.99 -7.42
N GLU B 274 30.19 6.11 -8.39
CA GLU B 274 30.34 6.54 -9.77
C GLU B 274 29.06 7.18 -10.30
N LEU B 275 27.89 6.62 -9.93
CA LEU B 275 26.64 7.24 -10.37
C LEU B 275 26.50 8.64 -9.79
N LEU B 276 26.85 8.81 -8.50
CA LEU B 276 26.76 10.12 -7.88
C LEU B 276 27.70 11.12 -8.55
N GLN B 277 28.93 10.71 -8.82
CA GLN B 277 29.93 11.63 -9.34
C GLN B 277 29.70 11.95 -10.82
N ASN B 278 29.26 10.96 -11.59
CA ASN B 278 29.11 11.13 -13.03
C ASN B 278 27.66 11.26 -13.48
N GLY B 279 26.71 11.11 -12.58
CA GLY B 279 25.32 11.10 -12.99
C GLY B 279 24.97 9.91 -13.86
N MET B 280 23.72 9.84 -14.31
CA MET B 280 23.25 8.72 -15.11
C MET B 280 23.68 8.81 -16.57
N ASN B 281 24.03 9.99 -17.06
CA ASN B 281 24.35 10.19 -18.48
C ASN B 281 23.17 9.76 -19.35
N GLY B 282 21.97 10.20 -18.94
CA GLY B 282 20.79 9.95 -19.73
C GLY B 282 20.29 8.52 -19.73
N ARG B 283 20.77 7.70 -18.80
CA ARG B 283 20.37 6.30 -18.73
C ARG B 283 19.32 6.11 -17.66
N THR B 284 18.62 4.97 -17.74
CA THR B 284 17.65 4.59 -16.74
C THR B 284 18.09 3.32 -16.01
N ILE B 285 17.55 3.16 -14.80
CA ILE B 285 17.70 1.95 -14.00
C ILE B 285 16.30 1.54 -13.58
N LEU B 286 15.91 0.31 -13.93
CA LEU B 286 14.56 -0.16 -13.70
C LEU B 286 13.54 0.79 -14.29
N GLY B 287 13.89 1.42 -15.43
CA GLY B 287 12.96 2.33 -16.08
C GLY B 287 12.72 3.58 -15.26
N SER B 288 13.80 4.29 -14.95
CA SER B 288 13.76 5.53 -14.18
C SER B 288 15.13 6.17 -14.17
N ALA B 289 15.24 7.48 -14.42
CA ALA B 289 16.48 8.20 -14.23
C ALA B 289 16.64 8.67 -12.80
N LEU B 290 15.64 8.43 -11.96
CA LEU B 290 15.67 8.73 -10.55
C LEU B 290 15.96 7.47 -9.74
N LEU B 291 16.89 7.57 -8.79
CA LEU B 291 17.18 6.49 -7.87
C LEU B 291 16.18 6.46 -6.73
N GLU B 292 15.59 5.30 -6.47
CA GLU B 292 14.58 5.13 -5.43
C GLU B 292 15.22 4.86 -4.07
N ASP B 293 14.69 5.48 -3.00
CA ASP B 293 15.28 5.29 -1.68
C ASP B 293 14.26 4.89 -0.61
N GLU B 294 13.06 4.44 -0.99
CA GLU B 294 12.06 4.03 -0.01
C GLU B 294 11.73 2.54 -0.09
N PHE B 295 12.58 1.73 -0.75
CA PHE B 295 12.52 0.27 -0.67
C PHE B 295 13.72 -0.25 0.08
N THR B 296 13.47 -0.92 1.21
CA THR B 296 14.54 -1.51 2.00
C THR B 296 15.02 -2.81 1.38
N PRO B 297 16.15 -3.30 1.85
CA PRO B 297 16.58 -4.64 1.43
C PRO B 297 15.51 -5.69 1.66
N PHE B 298 14.76 -5.62 2.77
CA PHE B 298 13.72 -6.61 3.00
C PHE B 298 12.57 -6.44 2.02
N ASP B 299 12.18 -5.19 1.74
CA ASP B 299 11.15 -4.92 0.73
C ASP B 299 11.50 -5.53 -0.61
N VAL B 300 12.76 -5.39 -1.02
CA VAL B 300 13.18 -5.92 -2.31
C VAL B 300 13.05 -7.43 -2.34
N VAL B 301 13.54 -8.10 -1.30
CA VAL B 301 13.36 -9.55 -1.23
C VAL B 301 11.88 -9.91 -1.18
N ARG B 302 11.10 -9.20 -0.36
CA ARG B 302 9.66 -9.46 -0.26
C ARG B 302 9.00 -9.51 -1.63
N GLN B 303 9.38 -8.61 -2.54
CA GLN B 303 8.75 -8.56 -3.87
C GLN B 303 9.42 -9.49 -4.90
N CYS B 304 10.75 -9.50 -4.97
CA CYS B 304 11.42 -10.23 -6.03
C CYS B 304 11.23 -11.74 -5.88
N SER B 305 11.30 -12.22 -4.64
CA SER B 305 11.36 -13.65 -4.39
C SER B 305 10.10 -14.23 -3.76
N GLY B 306 9.29 -13.41 -3.10
CA GLY B 306 8.01 -13.88 -2.60
C GLY B 306 8.07 -14.58 -1.25
#